data_7QDU
#
_entry.id   7QDU
#
_cell.length_a   1.00
_cell.length_b   1.00
_cell.length_c   1.00
_cell.angle_alpha   90.00
_cell.angle_beta   90.00
_cell.angle_gamma   90.00
#
_symmetry.space_group_name_H-M   'P 1'
#
_entity_poly.entity_id   1
_entity_poly.type   'polyribonucleotide'
_entity_poly.pdbx_seq_one_letter_code
;GGGCACUUACCCUUUAGUGCGAAGGUUUCGACCUUCGAUCCAUUUGUUCGCAAAUGGGAUGAUCUUCGGAUCAUCCGCGU
AGUCUGUUCAGUCGUUUCGACGACUGGCCCCACUUCGGUGGGGCCACGGUACUUAGAAGUGAACACUAAGUGUCGUGAAC
ACCAUUUGGUUAACUGCUCAAACUAAAUGGUGAUGAGGGAAGGAAUGACCCUCAUCGGACUACGCGAUCCGAGUGAUGGG
AAUGGCUGACCCAUCGCUCGGCACUGGAGGGUGAGUGCCCCUCAUUCGCAUAAGGGCCGACCCAGACAACAGCCAAGUUU
GGGUCGGAGAUGCGAACAUUCCACGCAUCUGAACGGUUGAGAACUUACAAGGGCAAGAGCAGAGUCCUUGUAAGGGCUUU
ACACGUCAAGUUCACAGACGUGUAAGGCCCGUCGCCCUUCGGGGCGACGUUCACGGCAUUUCGAUGCCGUGCAGCCUGUU
CGCAGGCUGCUUGACCGUUCCCCUGCCCUUUCGAGGGCAGACUACUCUUCGGAGUAGUCUUAUGUGAAUGAG
;
_entity_poly.pdbx_strand_id   Q
#
loop_
_chem_comp.id
_chem_comp.type
_chem_comp.name
_chem_comp.formula
A RNA linking ADENOSINE-5'-MONOPHOSPHATE 'C10 H14 N5 O7 P'
C RNA linking CYTIDINE-5'-MONOPHOSPHATE 'C9 H14 N3 O8 P'
G RNA linking GUANOSINE-5'-MONOPHOSPHATE 'C10 H14 N5 O8 P'
U RNA linking URIDINE-5'-MONOPHOSPHATE 'C9 H13 N2 O9 P'
#